data_1YJM
#
_entry.id   1YJM
#
_cell.length_a   51.155
_cell.length_b   122.999
_cell.length_c   136.710
_cell.angle_alpha   90.00
_cell.angle_beta   90.00
_cell.angle_gamma   90.00
#
_symmetry.space_group_name_H-M   'C 2 2 21'
#
loop_
_entity.id
_entity.type
_entity.pdbx_description
1 polymer "Polynucleotide 5'-hydroxyl-kinase"
2 polymer '12-mer peptide from DNA-repair protein XRCC4'
3 water water
#
loop_
_entity_poly.entity_id
_entity_poly.type
_entity_poly.pdbx_seq_one_letter_code
_entity_poly.pdbx_strand_id
1 'polypeptide(L)'
;MSQLGSRGRLWLQSPTGGPPPIFLPSDGQALVLGRGPLTQVTDRKCSRNQVELIADPESRTVAVKQLGVNPSTVGVHELK
PGLSGSLSLGDVLYLVNGLYPLTLRWEELS
;
A,B,C
2 'polypeptide(L)' (ACE)YDES(TPO)DEESEKK E,F,G
#
loop_
_chem_comp.id
_chem_comp.type
_chem_comp.name
_chem_comp.formula
ACE non-polymer 'ACETYL GROUP' 'C2 H4 O'
#
# COMPACT_ATOMS: atom_id res chain seq x y z
N LEU A 4 -11.51 9.43 10.34
CA LEU A 4 -12.02 9.71 8.97
C LEU A 4 -12.29 8.43 8.19
N GLY A 5 -13.48 7.87 8.37
CA GLY A 5 -13.87 6.63 7.73
C GLY A 5 -13.60 5.41 8.62
N SER A 6 -14.66 4.83 9.16
CA SER A 6 -14.54 3.70 10.08
C SER A 6 -14.19 2.40 9.36
N ARG A 7 -14.89 2.14 8.24
CA ARG A 7 -14.66 0.92 7.46
C ARG A 7 -13.90 1.22 6.17
N GLY A 8 -12.97 0.33 5.82
CA GLY A 8 -12.17 0.47 4.60
C GLY A 8 -11.05 -0.54 4.52
N ARG A 9 -10.30 -0.49 3.41
CA ARG A 9 -9.18 -1.41 3.17
C ARG A 9 -7.85 -0.67 3.18
N LEU A 10 -6.81 -1.32 3.68
CA LEU A 10 -5.44 -0.80 3.65
C LEU A 10 -4.70 -1.35 2.44
N TRP A 11 -3.95 -0.49 1.77
CA TRP A 11 -3.16 -0.88 0.60
C TRP A 11 -1.84 -0.12 0.49
N LEU A 12 -0.92 -0.67 -0.30
CA LEU A 12 0.41 -0.08 -0.50
C LEU A 12 0.55 0.51 -1.90
N GLN A 13 0.93 1.78 -1.95
CA GLN A 13 1.06 2.52 -3.20
C GLN A 13 2.51 2.48 -3.69
N SER A 14 2.70 2.10 -4.95
CA SER A 14 4.03 2.05 -5.56
C SER A 14 4.33 3.36 -6.30
N PRO A 15 5.62 3.64 -6.58
CA PRO A 15 5.96 4.86 -7.31
C PRO A 15 5.27 4.94 -8.67
N THR A 16 5.15 6.17 -9.17
CA THR A 16 4.49 6.43 -10.46
C THR A 16 5.07 5.54 -11.56
N GLY A 17 4.19 4.94 -12.35
CA GLY A 17 4.61 4.01 -13.41
C GLY A 17 5.10 2.68 -12.86
N GLY A 18 4.60 2.31 -11.69
CA GLY A 18 5.01 1.07 -11.02
C GLY A 18 3.89 0.05 -11.00
N PRO A 19 4.05 -1.02 -10.19
CA PRO A 19 3.02 -2.05 -10.03
C PRO A 19 1.67 -1.50 -9.58
N PRO A 20 0.57 -2.23 -9.86
CA PRO A 20 -0.73 -1.80 -9.37
C PRO A 20 -0.83 -1.87 -7.84
N PRO A 21 -1.87 -1.23 -7.26
CA PRO A 21 -2.11 -1.24 -5.81
C PRO A 21 -2.02 -2.62 -5.17
N ILE A 22 -1.27 -2.72 -4.07
CA ILE A 22 -1.17 -3.96 -3.31
C ILE A 22 -2.06 -3.86 -2.07
N PHE A 23 -3.27 -4.39 -2.18
CA PHE A 23 -4.21 -4.39 -1.06
C PHE A 23 -3.87 -5.51 -0.08
N LEU A 24 -4.06 -5.22 1.20
CA LEU A 24 -3.68 -6.13 2.27
C LEU A 24 -4.92 -6.83 2.84
N PRO A 25 -4.80 -8.13 3.17
CA PRO A 25 -5.92 -8.83 3.79
C PRO A 25 -6.43 -8.10 5.03
N SER A 26 -7.74 -7.86 5.08
CA SER A 26 -8.38 -7.14 6.17
C SER A 26 -8.87 -8.07 7.29
N ASP A 27 -8.59 -9.37 7.15
CA ASP A 27 -9.07 -10.39 8.08
C ASP A 27 -8.00 -10.87 9.06
N GLY A 28 -6.83 -10.23 9.02
CA GLY A 28 -5.72 -10.59 9.91
C GLY A 28 -4.69 -11.52 9.31
N GLN A 29 -5.00 -12.08 8.13
CA GLN A 29 -4.07 -12.99 7.46
C GLN A 29 -2.81 -12.26 7.01
N ALA A 30 -1.69 -12.99 7.04
CA ALA A 30 -0.40 -12.42 6.68
C ALA A 30 -0.23 -12.37 5.17
N LEU A 31 0.49 -11.35 4.71
CA LEU A 31 0.86 -11.23 3.30
C LEU A 31 2.37 -10.99 3.21
N VAL A 32 3.06 -11.93 2.58
CA VAL A 32 4.50 -11.81 2.37
C VAL A 32 4.76 -11.03 1.09
N LEU A 33 5.69 -10.07 1.17
CA LEU A 33 6.12 -9.32 -0.01
C LEU A 33 7.62 -9.50 -0.22
N GLY A 34 8.04 -9.37 -1.47
CA GLY A 34 9.45 -9.48 -1.83
C GLY A 34 9.65 -9.42 -3.33
N ARG A 35 10.76 -9.96 -3.80
CA ARG A 35 11.07 -10.01 -5.23
C ARG A 35 10.07 -10.93 -5.95
N GLY A 36 9.31 -10.36 -6.88
CA GLY A 36 8.24 -11.10 -7.55
C GLY A 36 7.33 -10.17 -8.35
N PRO A 37 6.33 -10.74 -9.06
CA PRO A 37 5.43 -9.96 -9.91
C PRO A 37 4.49 -8.98 -9.18
N LEU A 38 4.26 -9.19 -7.88
CA LEU A 38 3.39 -8.31 -7.10
C LEU A 38 4.05 -6.94 -6.84
N THR A 39 5.34 -6.95 -6.55
CA THR A 39 6.12 -5.70 -6.39
C THR A 39 6.91 -5.31 -7.64
N GLN A 40 7.08 -6.27 -8.56
CA GLN A 40 7.88 -6.10 -9.79
C GLN A 40 9.37 -5.76 -9.54
N VAL A 41 9.85 -6.02 -8.33
CA VAL A 41 11.26 -5.82 -8.01
C VAL A 41 12.05 -7.03 -8.51
N THR A 42 13.11 -6.79 -9.28
CA THR A 42 13.98 -7.86 -9.79
C THR A 42 15.39 -7.79 -9.19
N ASP A 43 15.61 -6.86 -8.25
CA ASP A 43 16.89 -6.67 -7.60
C ASP A 43 17.25 -7.89 -6.75
N ARG A 44 18.39 -8.52 -7.03
CA ARG A 44 18.78 -9.76 -6.36
C ARG A 44 19.03 -9.56 -4.86
N LYS A 45 19.36 -8.34 -4.46
CA LYS A 45 19.57 -8.01 -3.04
C LYS A 45 18.25 -8.07 -2.24
N CYS A 46 17.11 -7.95 -2.92
CA CYS A 46 15.81 -8.12 -2.28
C CYS A 46 15.45 -9.61 -2.22
N SER A 47 15.04 -10.09 -1.05
CA SER A 47 14.61 -11.47 -0.90
C SER A 47 13.27 -11.69 -1.56
N ARG A 48 13.03 -12.93 -2.02
CA ARG A 48 11.71 -13.33 -2.50
C ARG A 48 10.70 -13.35 -1.36
N ASN A 49 11.21 -13.54 -0.14
CA ASN A 49 10.44 -13.36 1.09
C ASN A 49 11.13 -12.31 1.96
N GLN A 50 10.88 -11.04 1.65
CA GLN A 50 11.58 -9.93 2.29
C GLN A 50 10.90 -9.49 3.59
N VAL A 51 9.59 -9.26 3.52
CA VAL A 51 8.82 -8.86 4.71
C VAL A 51 7.47 -9.59 4.77
N GLU A 52 6.99 -9.81 5.99
CA GLU A 52 5.64 -10.31 6.22
C GLU A 52 4.80 -9.18 6.81
N LEU A 53 3.62 -8.96 6.23
CA LEU A 53 2.75 -7.86 6.64
C LEU A 53 1.46 -8.38 7.27
N ILE A 54 1.05 -7.76 8.38
CA ILE A 54 -0.23 -8.04 9.01
C ILE A 54 -0.99 -6.73 9.22
N ALA A 55 -2.12 -6.59 8.54
CA ALA A 55 -2.89 -5.35 8.54
C ALA A 55 -3.89 -5.31 9.69
N ASP A 56 -4.09 -4.10 10.24
CA ASP A 56 -5.11 -3.84 11.26
C ASP A 56 -5.96 -2.65 10.81
N PRO A 57 -7.02 -2.91 10.02
CA PRO A 57 -7.92 -1.86 9.51
C PRO A 57 -8.53 -0.93 10.57
N GLU A 58 -8.77 -1.44 11.78
CA GLU A 58 -9.38 -0.63 12.84
C GLU A 58 -8.47 0.51 13.32
N SER A 59 -7.18 0.22 13.46
CA SER A 59 -6.20 1.23 13.86
C SER A 59 -5.54 1.90 12.64
N ARG A 60 -5.80 1.34 11.46
CA ARG A 60 -5.18 1.80 10.21
C ARG A 60 -3.65 1.73 10.28
N THR A 61 -3.15 0.61 10.79
CA THR A 61 -1.71 0.36 10.85
C THR A 61 -1.37 -1.03 10.30
N VAL A 62 -0.09 -1.24 10.01
CA VAL A 62 0.39 -2.50 9.47
C VAL A 62 1.70 -2.89 10.17
N ALA A 63 1.70 -4.08 10.77
CA ALA A 63 2.92 -4.63 11.37
C ALA A 63 3.79 -5.25 10.27
N VAL A 64 5.08 -4.95 10.30
CA VAL A 64 6.01 -5.43 9.28
C VAL A 64 7.18 -6.18 9.92
N LYS A 65 7.26 -7.48 9.69
CA LYS A 65 8.38 -8.31 10.16
C LYS A 65 9.33 -8.59 9.00
N GLN A 66 10.62 -8.33 9.20
CA GLN A 66 11.63 -8.62 8.17
C GLN A 66 12.02 -10.10 8.19
N LEU A 67 11.98 -10.71 7.02
CA LEU A 67 12.41 -12.10 6.83
C LEU A 67 13.66 -12.22 5.95
N GLY A 68 13.91 -11.20 5.12
CA GLY A 68 15.04 -11.20 4.21
C GLY A 68 16.35 -10.91 4.89
N VAL A 69 17.45 -11.29 4.23
CA VAL A 69 18.80 -11.08 4.75
C VAL A 69 19.20 -9.61 4.79
N ASN A 70 18.82 -8.85 3.76
CA ASN A 70 19.19 -7.44 3.66
C ASN A 70 18.10 -6.51 4.22
N PRO A 71 18.50 -5.35 4.78
CA PRO A 71 17.61 -4.52 5.60
C PRO A 71 16.48 -3.81 4.87
N SER A 72 15.25 -4.07 5.33
CA SER A 72 14.09 -3.25 4.97
C SER A 72 14.02 -2.08 5.94
N THR A 73 13.35 -1.01 5.52
CA THR A 73 13.16 0.17 6.37
C THR A 73 11.68 0.52 6.47
N VAL A 74 11.18 0.53 7.70
CA VAL A 74 9.78 0.84 7.97
C VAL A 74 9.71 2.20 8.65
N GLY A 75 9.35 3.22 7.88
CA GLY A 75 9.40 4.60 8.35
C GLY A 75 10.84 5.04 8.47
N VAL A 76 11.25 5.40 9.68
CA VAL A 76 12.65 5.77 9.94
C VAL A 76 13.41 4.66 10.67
N HIS A 77 12.79 3.49 10.79
CA HIS A 77 13.39 2.37 11.52
C HIS A 77 13.85 1.26 10.57
N GLU A 78 15.18 1.11 10.46
CA GLU A 78 15.78 0.04 9.68
C GLU A 78 15.70 -1.25 10.48
N LEU A 79 15.17 -2.31 9.86
CA LEU A 79 14.97 -3.58 10.53
C LEU A 79 16.12 -4.57 10.30
N LYS A 80 16.04 -5.71 10.97
CA LYS A 80 16.94 -6.85 10.78
C LYS A 80 16.09 -8.11 10.77
N PRO A 81 16.65 -9.25 10.32
CA PRO A 81 15.84 -10.46 10.27
C PRO A 81 15.32 -10.84 11.66
N GLY A 82 14.01 -11.08 11.75
CA GLY A 82 13.36 -11.40 13.03
C GLY A 82 12.75 -10.20 13.74
N LEU A 83 13.15 -8.98 13.35
CA LEU A 83 12.64 -7.75 13.98
C LEU A 83 11.46 -7.17 13.23
N SER A 84 10.68 -6.35 13.92
CA SER A 84 9.46 -5.76 13.36
C SER A 84 9.35 -4.27 13.60
N GLY A 85 8.68 -3.58 12.67
CA GLY A 85 8.31 -2.18 12.82
C GLY A 85 6.84 -2.02 12.47
N SER A 86 6.34 -0.79 12.58
CA SER A 86 4.93 -0.49 12.33
C SER A 86 4.78 0.63 11.31
N LEU A 87 3.78 0.48 10.43
CA LEU A 87 3.45 1.51 9.44
C LEU A 87 2.13 2.18 9.81
N SER A 88 2.14 3.50 9.93
CA SER A 88 0.92 4.29 9.99
C SER A 88 0.65 4.88 8.60
N LEU A 89 -0.54 5.43 8.38
CA LEU A 89 -0.89 5.97 7.08
C LEU A 89 0.09 7.04 6.62
N GLY A 90 0.56 6.92 5.39
CA GLY A 90 1.55 7.84 4.83
C GLY A 90 2.99 7.38 4.99
N ASP A 91 3.23 6.45 5.92
CA ASP A 91 4.59 5.91 6.13
C ASP A 91 5.03 5.07 4.95
N VAL A 92 6.33 5.02 4.73
CA VAL A 92 6.92 4.30 3.61
C VAL A 92 7.61 3.04 4.09
N LEU A 93 7.48 1.98 3.30
CA LEU A 93 8.23 0.76 3.45
C LEU A 93 9.25 0.72 2.33
N TYR A 94 10.53 0.77 2.66
CA TYR A 94 11.59 0.52 1.69
C TYR A 94 11.92 -0.97 1.73
N LEU A 95 11.64 -1.67 0.63
CA LEU A 95 11.79 -3.12 0.60
C LEU A 95 13.22 -3.57 0.92
N VAL A 96 14.23 -2.93 0.32
CA VAL A 96 15.61 -3.26 0.63
C VAL A 96 16.59 -2.13 0.32
N ASN A 97 17.58 -1.97 1.20
CA ASN A 97 18.69 -1.02 1.02
C ASN A 97 18.27 0.41 0.65
N GLY A 98 17.17 0.87 1.26
CA GLY A 98 16.66 2.22 1.01
C GLY A 98 16.08 2.42 -0.38
N LEU A 99 15.68 1.31 -1.01
CA LEU A 99 15.13 1.34 -2.36
C LEU A 99 13.74 0.72 -2.40
N TYR A 100 13.00 1.00 -3.47
CA TYR A 100 11.70 0.39 -3.75
C TYR A 100 10.68 0.72 -2.66
N PRO A 101 10.28 2.00 -2.59
CA PRO A 101 9.37 2.48 -1.54
C PRO A 101 7.92 2.10 -1.81
N LEU A 102 7.21 1.72 -0.74
CA LEU A 102 5.77 1.46 -0.81
C LEU A 102 5.09 2.26 0.30
N THR A 103 4.13 3.10 -0.07
CA THR A 103 3.44 3.98 0.89
C THR A 103 2.08 3.41 1.29
N LEU A 104 1.79 3.42 2.59
CA LEU A 104 0.53 2.91 3.12
C LEU A 104 -0.61 3.91 2.92
N ARG A 105 -1.70 3.47 2.30
CA ARG A 105 -2.88 4.30 2.07
C ARG A 105 -4.15 3.60 2.53
N TRP A 106 -5.26 4.32 2.50
CA TRP A 106 -6.55 3.87 3.03
C TRP A 106 -7.67 4.15 2.02
N GLU A 107 -8.35 3.10 1.59
CA GLU A 107 -9.51 3.23 0.70
C GLU A 107 -10.79 2.98 1.48
N GLU A 108 -11.68 3.97 1.50
CA GLU A 108 -13.01 3.84 2.11
C GLU A 108 -13.90 2.95 1.24
N LEU A 109 -14.96 2.42 1.84
CA LEU A 109 -15.95 1.61 1.12
C LEU A 109 -17.05 2.48 0.53
N SER A 110 -17.52 3.45 1.33
CA SER A 110 -18.58 4.37 0.91
C SER A 110 -18.07 5.34 -0.15
N SER B 6 5.90 12.74 -22.14
CA SER B 6 7.26 12.96 -21.58
C SER B 6 7.25 14.03 -20.50
N ARG B 7 6.68 15.19 -20.82
CA ARG B 7 6.64 16.32 -19.88
C ARG B 7 5.61 16.11 -18.77
N GLY B 8 5.87 16.72 -17.62
CA GLY B 8 4.95 16.63 -16.49
C GLY B 8 5.36 17.54 -15.34
N ARG B 9 4.98 17.16 -14.13
CA ARG B 9 5.33 17.94 -12.95
C ARG B 9 5.35 17.10 -11.67
N LEU B 10 6.22 17.49 -10.75
CA LEU B 10 6.38 16.79 -9.47
C LEU B 10 5.46 17.40 -8.42
N TRP B 11 4.87 16.55 -7.58
CA TRP B 11 4.06 17.01 -6.45
C TRP B 11 4.23 16.12 -5.23
N LEU B 12 3.90 16.66 -4.06
CA LEU B 12 4.03 15.96 -2.79
C LEU B 12 2.66 15.53 -2.26
N GLN B 13 2.56 14.24 -1.93
CA GLN B 13 1.30 13.62 -1.54
C GLN B 13 1.22 13.45 -0.04
N SER B 14 0.15 13.96 0.57
CA SER B 14 -0.08 13.84 2.01
C SER B 14 -0.80 12.52 2.32
N PRO B 15 -0.77 12.08 3.59
CA PRO B 15 -1.49 10.85 3.97
C PRO B 15 -3.00 10.94 3.74
N THR B 16 -3.64 9.79 3.51
CA THR B 16 -5.08 9.74 3.26
C THR B 16 -5.82 10.55 4.32
N GLY B 17 -6.63 11.51 3.87
CA GLY B 17 -7.35 12.41 4.77
C GLY B 17 -6.59 13.69 5.07
N GLY B 18 -5.40 13.83 4.48
CA GLY B 18 -4.57 15.01 4.68
C GLY B 18 -4.89 16.12 3.68
N PRO B 19 -4.08 17.19 3.69
CA PRO B 19 -4.32 18.31 2.78
C PRO B 19 -4.11 17.95 1.30
N PRO B 20 -4.53 18.84 0.39
CA PRO B 20 -4.40 18.58 -1.05
C PRO B 20 -2.93 18.48 -1.53
N PRO B 21 -2.72 17.94 -2.75
CA PRO B 21 -1.41 17.85 -3.38
C PRO B 21 -0.63 19.18 -3.40
N ILE B 22 0.66 19.12 -3.09
CA ILE B 22 1.54 20.28 -3.14
C ILE B 22 2.39 20.21 -4.41
N PHE B 23 2.02 20.97 -5.43
CA PHE B 23 2.76 21.00 -6.69
C PHE B 23 4.01 21.86 -6.54
N LEU B 24 5.12 21.36 -7.05
CA LEU B 24 6.42 22.03 -6.90
C LEU B 24 6.74 22.82 -8.17
N PRO B 25 7.38 24.00 -8.02
CA PRO B 25 7.72 24.81 -9.20
C PRO B 25 8.63 24.05 -10.17
N SER B 26 8.26 24.06 -11.45
CA SER B 26 8.89 23.21 -12.46
C SER B 26 10.18 23.76 -13.07
N ASP B 27 10.48 25.04 -12.82
CA ASP B 27 11.69 25.68 -13.36
C ASP B 27 12.81 25.85 -12.31
N GLY B 28 12.73 25.09 -11.23
CA GLY B 28 13.81 25.01 -10.25
C GLY B 28 13.85 26.08 -9.16
N GLN B 29 12.78 26.87 -9.03
CA GLN B 29 12.72 27.88 -7.97
C GLN B 29 12.31 27.22 -6.65
N ALA B 30 12.85 27.73 -5.54
CA ALA B 30 12.73 27.09 -4.25
C ALA B 30 11.35 27.28 -3.62
N LEU B 31 10.82 26.19 -3.06
CA LEU B 31 9.59 26.24 -2.27
C LEU B 31 9.94 25.84 -0.84
N VAL B 32 9.65 26.73 0.11
CA VAL B 32 9.91 26.47 1.52
C VAL B 32 8.65 25.90 2.18
N LEU B 33 8.77 24.71 2.75
CA LEU B 33 7.67 24.06 3.45
C LEU B 33 7.97 23.89 4.94
N GLY B 34 6.92 23.77 5.73
CA GLY B 34 7.05 23.55 7.16
C GLY B 34 5.71 23.52 7.87
N ARG B 35 5.71 23.94 9.13
CA ARG B 35 4.48 24.06 9.92
C ARG B 35 3.59 25.15 9.34
N GLY B 36 2.36 24.78 8.96
CA GLY B 36 1.44 25.69 8.30
C GLY B 36 0.27 24.94 7.67
N PRO B 37 -0.65 25.67 7.01
CA PRO B 37 -1.85 25.09 6.42
C PRO B 37 -1.63 24.21 5.19
N LEU B 38 -0.48 24.35 4.52
CA LEU B 38 -0.16 23.51 3.37
C LEU B 38 0.11 22.06 3.77
N THR B 39 0.74 21.89 4.94
CA THR B 39 1.03 20.55 5.48
C THR B 39 0.04 20.12 6.57
N GLN B 40 -0.70 21.08 7.12
CA GLN B 40 -1.59 20.86 8.27
C GLN B 40 -0.86 20.28 9.50
N VAL B 41 0.44 20.56 9.59
CA VAL B 41 1.25 20.16 10.73
C VAL B 41 1.24 21.31 11.74
N THR B 42 0.89 21.00 12.99
CA THR B 42 0.90 21.99 14.08
C THR B 42 1.96 21.68 15.15
N ASP B 43 2.77 20.64 14.91
CA ASP B 43 3.81 20.22 15.84
C ASP B 43 4.84 21.34 16.03
N ARG B 44 4.97 21.81 17.27
CA ARG B 44 5.90 22.88 17.63
C ARG B 44 7.36 22.58 17.28
N LYS B 45 7.72 21.29 17.29
CA LYS B 45 9.09 20.87 16.97
C LYS B 45 9.43 21.06 15.48
N CYS B 46 8.41 21.03 14.63
CA CYS B 46 8.58 21.36 13.22
C CYS B 46 8.69 22.87 13.04
N SER B 47 9.63 23.32 12.22
CA SER B 47 9.76 24.75 11.92
C SER B 47 8.72 25.16 10.90
N ARG B 48 8.33 26.43 10.94
CA ARG B 48 7.48 27.02 9.90
C ARG B 48 8.25 27.07 8.57
N ASN B 49 9.57 27.16 8.66
CA ASN B 49 10.46 27.00 7.52
C ASN B 49 11.38 25.81 7.76
N GLN B 50 10.84 24.61 7.59
CA GLN B 50 11.54 23.37 7.96
C GLN B 50 12.49 22.89 6.86
N VAL B 51 12.03 22.93 5.61
CA VAL B 51 12.81 22.47 4.47
C VAL B 51 12.67 23.39 3.26
N GLU B 52 13.68 23.36 2.40
CA GLU B 52 13.67 24.06 1.12
C GLU B 52 13.70 23.03 0.00
N LEU B 53 12.74 23.10 -0.91
CA LEU B 53 12.61 22.12 -1.99
C LEU B 53 12.94 22.75 -3.34
N ILE B 54 13.82 22.10 -4.10
CA ILE B 54 14.14 22.51 -5.46
C ILE B 54 13.93 21.32 -6.40
N ALA B 55 12.86 21.39 -7.19
CA ALA B 55 12.43 20.28 -8.04
C ALA B 55 13.18 20.24 -9.36
N ASP B 56 13.27 19.04 -9.93
CA ASP B 56 13.93 18.83 -11.23
C ASP B 56 13.12 17.83 -12.06
N PRO B 57 12.06 18.31 -12.74
CA PRO B 57 11.18 17.47 -13.57
C PRO B 57 11.91 16.60 -14.61
N GLU B 58 13.04 17.10 -15.13
CA GLU B 58 13.81 16.35 -16.13
C GLU B 58 14.29 15.00 -15.59
N SER B 59 14.80 15.00 -14.36
CA SER B 59 15.25 13.76 -13.71
C SER B 59 14.20 13.16 -12.78
N ARG B 60 13.08 13.86 -12.61
CA ARG B 60 12.01 13.45 -11.69
C ARG B 60 12.53 13.27 -10.27
N THR B 61 13.33 14.24 -9.82
CA THR B 61 13.86 14.27 -8.45
C THR B 61 13.68 15.65 -7.84
N VAL B 62 13.74 15.71 -6.51
CA VAL B 62 13.64 16.96 -5.76
C VAL B 62 14.79 17.03 -4.75
N ALA B 63 15.57 18.10 -4.82
CA ALA B 63 16.60 18.38 -3.82
C ALA B 63 15.92 18.95 -2.58
N VAL B 64 16.30 18.42 -1.41
CA VAL B 64 15.70 18.84 -0.15
C VAL B 64 16.78 19.28 0.84
N LYS B 65 16.80 20.57 1.17
CA LYS B 65 17.71 21.10 2.19
C LYS B 65 16.96 21.37 3.48
N GLN B 66 17.51 20.86 4.60
CA GLN B 66 16.94 21.14 5.91
C GLN B 66 17.30 22.54 6.37
N LEU B 67 16.29 23.31 6.73
CA LEU B 67 16.48 24.65 7.31
C LEU B 67 16.16 24.66 8.80
N GLY B 68 15.16 23.88 9.22
CA GLY B 68 14.77 23.82 10.62
C GLY B 68 15.83 23.26 11.55
N VAL B 69 15.67 23.52 12.84
CA VAL B 69 16.64 23.10 13.85
C VAL B 69 16.56 21.60 14.13
N ASN B 70 15.33 21.05 14.14
CA ASN B 70 15.11 19.63 14.40
C ASN B 70 15.13 18.84 13.09
N PRO B 71 15.61 17.58 13.14
CA PRO B 71 15.95 16.83 11.93
C PRO B 71 14.76 16.40 11.05
N SER B 72 14.86 16.67 9.76
CA SER B 72 14.01 16.05 8.75
C SER B 72 14.70 14.77 8.26
N THR B 73 13.92 13.88 7.64
CA THR B 73 14.47 12.66 7.04
C THR B 73 14.06 12.59 5.57
N VAL B 74 15.06 12.54 4.68
CA VAL B 74 14.84 12.44 3.25
C VAL B 74 15.23 11.02 2.83
N GLY B 75 14.24 10.24 2.42
CA GLY B 75 14.46 8.83 2.12
C GLY B 75 14.81 8.06 3.38
N VAL B 76 16.03 7.52 3.43
CA VAL B 76 16.54 6.83 4.61
C VAL B 76 17.70 7.59 5.25
N HIS B 77 17.80 8.89 4.97
CA HIS B 77 18.87 9.72 5.49
C HIS B 77 18.33 10.87 6.31
N GLU B 78 18.68 10.88 7.60
CA GLU B 78 18.34 11.98 8.50
C GLU B 78 19.32 13.12 8.26
N LEU B 79 18.79 14.33 8.12
CA LEU B 79 19.61 15.51 7.83
C LEU B 79 19.89 16.33 9.10
N LYS B 80 20.72 17.36 8.93
CA LYS B 80 20.95 18.38 9.95
C LYS B 80 20.80 19.74 9.26
N PRO B 81 20.70 20.84 10.05
CA PRO B 81 20.51 22.15 9.42
C PRO B 81 21.61 22.51 8.41
N GLY B 82 21.22 22.83 7.19
CA GLY B 82 22.17 23.19 6.14
C GLY B 82 22.55 22.05 5.20
N LEU B 83 22.26 20.81 5.61
CA LEU B 83 22.54 19.64 4.79
C LEU B 83 21.37 19.31 3.88
N SER B 84 21.65 18.66 2.76
CA SER B 84 20.61 18.31 1.79
C SER B 84 20.62 16.83 1.42
N GLY B 85 19.47 16.36 1.00
CA GLY B 85 19.30 15.04 0.40
C GLY B 85 18.41 15.15 -0.82
N SER B 86 18.15 14.01 -1.47
CA SER B 86 17.37 14.00 -2.70
C SER B 86 16.25 12.96 -2.62
N LEU B 87 15.09 13.33 -3.16
CA LEU B 87 13.95 12.43 -3.29
C LEU B 87 13.80 11.99 -4.74
N SER B 88 13.63 10.68 -4.94
CA SER B 88 13.19 10.14 -6.22
C SER B 88 11.71 9.78 -6.09
N LEU B 89 11.10 9.37 -7.19
CA LEU B 89 9.66 9.07 -7.17
C LEU B 89 9.37 7.94 -6.18
N GLY B 90 8.36 8.17 -5.33
CA GLY B 90 7.99 7.21 -4.29
C GLY B 90 8.65 7.44 -2.94
N ASP B 91 9.78 8.16 -2.92
CA ASP B 91 10.49 8.43 -1.66
C ASP B 91 9.69 9.38 -0.78
N VAL B 92 9.89 9.28 0.53
CA VAL B 92 9.15 10.06 1.50
C VAL B 92 10.04 11.06 2.23
N LEU B 93 9.47 12.24 2.48
CA LEU B 93 10.08 13.26 3.32
C LEU B 93 9.30 13.27 4.63
N TYR B 94 9.96 12.88 5.72
CA TYR B 94 9.42 13.07 7.05
C TYR B 94 9.82 14.45 7.53
N LEU B 95 8.83 15.32 7.74
CA LEU B 95 9.10 16.73 8.01
C LEU B 95 9.90 16.96 9.30
N VAL B 96 9.59 16.22 10.36
CA VAL B 96 10.37 16.33 11.59
C VAL B 96 10.26 15.09 12.48
N ASN B 97 11.38 14.71 13.08
CA ASN B 97 11.44 13.61 14.06
C ASN B 97 10.75 12.32 13.58
N GLY B 98 10.91 12.00 12.30
CA GLY B 98 10.33 10.80 11.73
C GLY B 98 8.81 10.81 11.68
N LEU B 99 8.23 12.00 11.57
CA LEU B 99 6.78 12.18 11.53
C LEU B 99 6.37 13.06 10.36
N TYR B 100 5.09 12.97 9.99
CA TYR B 100 4.46 13.83 8.97
C TYR B 100 5.10 13.59 7.60
N PRO B 101 4.82 12.41 7.00
CA PRO B 101 5.42 12.03 5.73
C PRO B 101 4.76 12.68 4.52
N LEU B 102 5.58 12.98 3.52
CA LEU B 102 5.12 13.44 2.21
C LEU B 102 5.81 12.61 1.14
N THR B 103 5.03 11.98 0.26
CA THR B 103 5.57 11.15 -0.81
C THR B 103 5.70 11.95 -2.10
N LEU B 104 6.85 11.82 -2.76
CA LEU B 104 7.08 12.47 -4.05
C LEU B 104 6.42 11.69 -5.18
N ARG B 105 5.54 12.35 -5.93
CA ARG B 105 4.82 11.71 -7.02
C ARG B 105 4.90 12.54 -8.30
N TRP B 106 4.50 11.93 -9.41
CA TRP B 106 4.65 12.50 -10.73
C TRP B 106 3.31 12.49 -11.48
N GLU B 107 2.96 13.63 -12.09
CA GLU B 107 1.79 13.72 -12.96
C GLU B 107 2.25 13.93 -14.41
N GLU B 108 1.92 12.98 -15.27
CA GLU B 108 2.25 13.08 -16.69
C GLU B 108 1.33 14.10 -17.36
N LEU B 109 1.91 14.95 -18.21
CA LEU B 109 1.15 15.96 -18.95
C LEU B 109 1.40 15.81 -20.44
N SER B 110 1.21 14.60 -20.95
CA SER B 110 1.49 14.26 -22.35
C SER B 110 2.96 14.50 -22.70
N ARG C 7 -34.49 -11.03 5.52
CA ARG C 7 -34.19 -12.03 6.58
C ARG C 7 -33.57 -13.29 6.02
N GLY C 8 -32.23 -13.36 6.06
CA GLY C 8 -31.50 -14.51 5.56
C GLY C 8 -30.00 -14.27 5.54
N ARG C 9 -29.29 -15.03 4.70
CA ARG C 9 -27.85 -14.86 4.53
C ARG C 9 -27.39 -15.19 3.11
N LEU C 10 -26.26 -14.59 2.73
CA LEU C 10 -25.65 -14.81 1.42
C LEU C 10 -24.62 -15.94 1.48
N TRP C 11 -24.50 -16.68 0.40
CA TRP C 11 -23.52 -17.76 0.30
C TRP C 11 -23.07 -18.02 -1.13
N LEU C 12 -22.00 -18.81 -1.27
CA LEU C 12 -21.38 -19.07 -2.56
C LEU C 12 -21.49 -20.55 -2.90
N GLN C 13 -22.14 -20.84 -4.03
CA GLN C 13 -22.36 -22.21 -4.47
C GLN C 13 -21.29 -22.65 -5.47
N SER C 14 -20.67 -23.79 -5.20
CA SER C 14 -19.67 -24.37 -6.10
C SER C 14 -20.35 -25.37 -7.04
N PRO C 15 -19.64 -25.80 -8.10
CA PRO C 15 -20.19 -26.83 -8.99
C PRO C 15 -20.39 -28.18 -8.29
N THR C 16 -21.17 -29.06 -8.92
CA THR C 16 -21.41 -30.40 -8.40
C THR C 16 -20.08 -31.15 -8.21
N GLY C 17 -19.88 -31.70 -7.02
CA GLY C 17 -18.61 -32.34 -6.67
C GLY C 17 -17.63 -31.40 -5.96
N GLY C 18 -17.83 -30.09 -6.15
CA GLY C 18 -16.98 -29.09 -5.51
C GLY C 18 -17.22 -28.98 -4.01
N PRO C 19 -16.60 -27.97 -3.36
CA PRO C 19 -16.75 -27.78 -1.92
C PRO C 19 -18.19 -27.52 -1.49
N PRO C 20 -18.48 -27.66 -0.17
CA PRO C 20 -19.80 -27.31 0.33
C PRO C 20 -20.06 -25.81 0.27
N PRO C 21 -21.32 -25.39 0.47
CA PRO C 21 -21.68 -23.97 0.53
C PRO C 21 -20.73 -23.15 1.42
N ILE C 22 -20.23 -22.04 0.87
CA ILE C 22 -19.40 -21.10 1.62
C ILE C 22 -20.26 -19.89 2.00
N PHE C 23 -20.48 -19.70 3.30
CA PHE C 23 -21.32 -18.61 3.80
C PHE C 23 -20.48 -17.37 4.09
N LEU C 24 -21.05 -16.21 3.76
CA LEU C 24 -20.36 -14.93 3.92
C LEU C 24 -20.79 -14.28 5.23
N PRO C 25 -19.83 -13.66 5.96
CA PRO C 25 -20.19 -12.91 7.17
C PRO C 25 -21.23 -11.82 6.89
N SER C 26 -22.26 -11.74 7.74
CA SER C 26 -23.38 -10.83 7.52
C SER C 26 -23.21 -9.49 8.25
N ASP C 27 -22.07 -9.29 8.91
CA ASP C 27 -21.82 -8.09 9.70
C ASP C 27 -20.76 -7.16 9.06
N GLY C 28 -20.56 -7.31 7.76
CA GLY C 28 -19.59 -6.49 7.04
C GLY C 28 -18.13 -6.91 7.19
N GLN C 29 -17.88 -7.99 7.94
CA GLN C 29 -16.52 -8.50 8.11
C GLN C 29 -16.04 -9.15 6.83
N ALA C 30 -14.78 -8.89 6.48
CA ALA C 30 -14.20 -9.37 5.21
C ALA C 30 -13.91 -10.87 5.24
N LEU C 31 -14.12 -11.52 4.10
CA LEU C 31 -13.72 -12.91 3.90
C LEU C 31 -12.75 -13.00 2.73
N VAL C 32 -11.52 -13.41 3.01
CA VAL C 32 -10.50 -13.59 1.98
C VAL C 32 -10.54 -15.01 1.45
N LEU C 33 -10.79 -15.15 0.15
CA LEU C 33 -10.82 -16.46 -0.51
C LEU C 33 -9.64 -16.60 -1.47
N GLY C 34 -9.23 -17.85 -1.69
CA GLY C 34 -8.11 -18.16 -2.57
C GLY C 34 -7.76 -19.63 -2.51
N ARG C 35 -6.51 -19.96 -2.81
CA ARG C 35 -6.02 -21.34 -2.69
C ARG C 35 -6.09 -21.77 -1.22
N GLY C 36 -6.80 -22.86 -0.95
CA GLY C 36 -6.98 -23.33 0.42
C GLY C 36 -8.06 -24.40 0.55
N PRO C 37 -8.18 -25.01 1.74
CA PRO C 37 -9.13 -26.09 1.97
C PRO C 37 -10.59 -25.67 1.98
N LEU C 38 -10.88 -24.39 2.25
CA LEU C 38 -12.25 -23.88 2.22
C LEU C 38 -12.81 -23.86 0.78
N THR C 39 -11.97 -23.49 -0.18
CA THR C 39 -12.35 -23.51 -1.60
C THR C 39 -11.95 -24.83 -2.28
N GLN C 40 -11.08 -25.60 -1.62
CA GLN C 40 -10.53 -26.84 -2.17
C GLN C 40 -9.77 -26.63 -3.49
N VAL C 41 -9.25 -25.41 -3.69
CA VAL C 41 -8.46 -25.08 -4.86
C VAL C 41 -6.99 -25.26 -4.51
N THR C 42 -6.29 -26.07 -5.28
CA THR C 42 -4.87 -26.32 -5.07
C THR C 42 -4.00 -25.73 -6.19
N ASP C 43 -4.63 -24.96 -7.08
CA ASP C 43 -3.94 -24.38 -8.24
C ASP C 43 -2.95 -23.31 -7.80
N ARG C 44 -1.68 -23.52 -8.10
CA ARG C 44 -0.60 -22.60 -7.68
C ARG C 44 -0.74 -21.20 -8.29
N LYS C 45 -1.39 -21.11 -9.45
CA LYS C 45 -1.67 -19.82 -10.08
C LYS C 45 -2.63 -18.98 -9.24
N CYS C 46 -3.50 -19.66 -8.48
CA CYS C 46 -4.39 -18.97 -7.54
C CYS C 46 -3.64 -18.64 -6.26
N SER C 47 -3.58 -17.35 -5.93
CA SER C 47 -2.99 -16.90 -4.67
C SER C 47 -3.83 -17.35 -3.49
N ARG C 48 -3.18 -17.57 -2.34
CA ARG C 48 -3.89 -17.83 -1.09
C ARG C 48 -4.71 -16.61 -0.65
N ASN C 49 -4.22 -15.43 -1.02
CA ASN C 49 -4.96 -14.18 -0.87
C ASN C 49 -5.35 -13.65 -2.26
N GLN C 50 -6.37 -14.26 -2.87
CA GLN C 50 -6.80 -13.90 -4.23
C GLN C 50 -7.79 -12.75 -4.24
N VAL C 51 -8.89 -12.93 -3.50
CA VAL C 51 -9.96 -11.94 -3.44
C VAL C 51 -10.43 -11.73 -2.01
N GLU C 52 -10.84 -10.51 -1.69
CA GLU C 52 -11.45 -10.19 -0.40
C GLU C 52 -12.91 -9.82 -0.64
N LEU C 53 -13.81 -10.54 0.02
CA LEU C 53 -15.25 -10.34 -0.16
C LEU C 53 -15.86 -9.65 1.05
N ILE C 54 -16.70 -8.66 0.80
CA ILE C 54 -17.48 -7.99 1.85
C ILE C 54 -18.94 -7.97 1.42
N ALA C 55 -19.78 -8.69 2.16
CA ALA C 55 -21.19 -8.87 1.81
C ALA C 55 -22.09 -7.74 2.34
N ASP C 56 -23.17 -7.46 1.59
CA ASP C 56 -24.20 -6.52 2.01
C ASP C 56 -25.56 -7.24 1.92
N PRO C 57 -25.99 -7.87 3.03
CA PRO C 57 -27.25 -8.63 3.06
C PRO C 57 -28.50 -7.85 2.66
N GLU C 58 -28.55 -6.55 2.96
CA GLU C 58 -29.72 -5.73 2.65
C GLU C 58 -29.92 -5.56 1.14
N SER C 59 -28.85 -5.19 0.44
CA SER C 59 -28.88 -5.06 -1.02
C SER C 59 -28.67 -6.41 -1.72
N ARG C 60 -28.29 -7.43 -0.95
CA ARG C 60 -28.02 -8.78 -1.47
C ARG C 60 -26.94 -8.78 -2.54
N THR C 61 -25.85 -8.05 -2.27
CA THR C 61 -24.70 -7.97 -3.15
C THR C 61 -23.42 -8.18 -2.35
N VAL C 62 -22.31 -8.39 -3.06
CA VAL C 62 -21.00 -8.62 -2.44
C VAL C 62 -19.93 -7.81 -3.17
N ALA C 63 -19.25 -6.93 -2.43
CA ALA C 63 -18.11 -6.20 -2.97
C ALA C 63 -16.89 -7.13 -2.99
N VAL C 64 -16.24 -7.22 -4.16
CA VAL C 64 -15.09 -8.10 -4.35
C VAL C 64 -13.87 -7.33 -4.84
N LYS C 65 -12.83 -7.28 -4.01
CA LYS C 65 -11.55 -6.69 -4.40
C LYS C 65 -10.54 -7.80 -4.67
N GLN C 66 -9.84 -7.71 -5.80
CA GLN C 66 -8.77 -8.66 -6.12
C GLN C 66 -7.48 -8.22 -5.43
N LEU C 67 -6.87 -9.16 -4.70
CA LEU C 67 -5.58 -8.94 -4.05
C LEU C 67 -4.44 -9.58 -4.84
N GLY C 68 -4.71 -10.74 -5.43
CA GLY C 68 -3.69 -11.54 -6.08
C GLY C 68 -3.22 -11.01 -7.43
N VAL C 69 -2.07 -11.51 -7.87
CA VAL C 69 -1.44 -11.06 -9.12
C VAL C 69 -2.18 -11.54 -10.37
N ASN C 70 -2.61 -12.80 -10.39
CA ASN C 70 -3.35 -13.36 -11.52
C ASN C 70 -4.83 -12.98 -11.43
N PRO C 71 -5.49 -12.82 -12.59
CA PRO C 71 -6.81 -12.19 -12.64
C PRO C 71 -8.00 -13.05 -12.19
N SER C 72 -8.86 -12.47 -11.36
CA SER C 72 -10.16 -13.05 -11.02
C SER C 72 -11.22 -12.42 -11.90
N THR C 73 -12.35 -13.11 -12.06
CA THR C 73 -13.47 -12.59 -12.87
C THR C 73 -14.73 -12.48 -12.02
N VAL C 74 -15.20 -11.25 -11.83
CA VAL C 74 -16.42 -10.98 -11.08
C VAL C 74 -17.53 -10.68 -12.09
N GLY C 75 -18.38 -11.67 -12.33
CA GLY C 75 -19.44 -11.53 -13.33
C GLY C 75 -18.88 -11.30 -14.71
N VAL C 76 -19.23 -10.16 -15.32
CA VAL C 76 -18.82 -9.85 -16.70
C VAL C 76 -17.40 -9.33 -16.85
N HIS C 77 -16.81 -8.81 -15.78
CA HIS C 77 -15.48 -8.19 -15.85
C HIS C 77 -14.38 -9.01 -15.19
N GLU C 78 -13.27 -9.16 -15.91
CA GLU C 78 -12.05 -9.77 -15.37
C GLU C 78 -11.18 -8.67 -14.79
N LEU C 79 -10.83 -8.81 -13.51
CA LEU C 79 -10.15 -7.74 -12.77
C LEU C 79 -8.62 -7.82 -12.87
N LYS C 80 -7.97 -6.83 -12.27
CA LYS C 80 -6.53 -6.78 -12.09
C LYS C 80 -6.26 -6.47 -10.61
N PRO C 81 -4.99 -6.56 -10.17
CA PRO C 81 -4.71 -6.33 -8.75
C PRO C 81 -5.08 -4.92 -8.27
N GLY C 82 -5.97 -4.85 -7.28
CA GLY C 82 -6.40 -3.58 -6.70
C GLY C 82 -7.75 -3.09 -7.20
N LEU C 83 -8.26 -3.70 -8.27
CA LEU C 83 -9.55 -3.31 -8.85
C LEU C 83 -10.70 -4.09 -8.21
N SER C 84 -11.88 -3.50 -8.25
CA SER C 84 -13.06 -4.05 -7.60
C SER C 84 -14.16 -4.45 -8.59
N GLY C 85 -15.02 -5.35 -8.14
CA GLY C 85 -16.23 -5.74 -8.87
C GLY C 85 -17.34 -6.04 -7.88
N SER C 86 -18.55 -6.18 -8.39
CA SER C 86 -19.72 -6.45 -7.54
C SER C 86 -20.47 -7.69 -8.03
N LEU C 87 -20.81 -8.57 -7.09
CA LEU C 87 -21.64 -9.73 -7.41
C LEU C 87 -23.07 -9.48 -6.97
N SER C 88 -24.02 -9.73 -7.87
CA SER C 88 -25.44 -9.79 -7.54
C SER C 88 -25.85 -11.26 -7.54
N LEU C 89 -27.07 -11.55 -7.10
CA LEU C 89 -27.54 -12.94 -7.01
C LEU C 89 -27.52 -13.61 -8.38
N GLY C 90 -26.91 -14.80 -8.43
CA GLY C 90 -26.78 -15.55 -9.67
C GLY C 90 -25.50 -15.29 -10.45
N ASP C 91 -24.76 -14.25 -10.08
CA ASP C 91 -23.49 -13.91 -10.76
C ASP C 91 -22.38 -14.84 -10.30
N VAL C 92 -21.43 -15.10 -11.20
CA VAL C 92 -20.37 -16.07 -10.96
C VAL C 92 -19.01 -15.40 -10.77
N LEU C 93 -18.30 -15.83 -9.73
CA LEU C 93 -16.93 -15.40 -9.46
C LEU C 93 -15.98 -16.54 -9.81
N TYR C 94 -15.08 -16.29 -10.76
CA TYR C 94 -14.00 -17.24 -11.06
C TYR C 94 -12.73 -16.78 -10.34
N LEU C 95 -12.20 -17.65 -9.48
CA LEU C 95 -11.09 -17.29 -8.59
C LEU C 95 -9.81 -16.91 -9.34
N VAL C 96 -9.48 -17.64 -10.40
CA VAL C 96 -8.32 -17.30 -11.22
C VAL C 96 -8.41 -17.86 -12.64
N ASN C 97 -7.98 -17.06 -13.61
CA ASN C 97 -7.84 -17.50 -15.02
C ASN C 97 -9.11 -18.14 -15.61
N GLY C 98 -10.26 -17.62 -15.22
CA GLY C 98 -11.55 -18.14 -15.72
C GLY C 98 -11.91 -19.52 -15.22
N LEU C 99 -11.33 -19.92 -14.08
CA LEU C 99 -11.57 -21.23 -13.49
C LEU C 99 -11.99 -21.10 -12.02
N TYR C 100 -12.59 -22.18 -11.51
CA TYR C 100 -12.99 -22.28 -10.10
C TYR C 100 -14.12 -21.30 -9.76
N PRO C 101 -15.32 -21.56 -10.30
CA PRO C 101 -16.47 -20.66 -10.16
C PRO C 101 -17.16 -20.74 -8.81
N LEU C 102 -17.71 -19.60 -8.38
CA LEU C 102 -18.53 -19.53 -7.17
C LEU C 102 -19.72 -18.61 -7.45
N THR C 103 -20.93 -19.16 -7.29
CA THR C 103 -22.16 -18.43 -7.63
C THR C 103 -22.83 -17.88 -6.38
N LEU C 104 -23.13 -16.58 -6.38
CA LEU C 104 -23.75 -15.93 -5.23
C LEU C 104 -25.22 -16.33 -5.11
N ARG C 105 -25.60 -16.79 -3.92
CA ARG C 105 -26.96 -17.23 -3.64
C ARG C 105 -27.49 -16.57 -2.36
N TRP C 106 -28.80 -16.68 -2.16
CA TRP C 106 -29.46 -16.15 -0.97
C TRP C 106 -30.22 -17.28 -0.27
N GLU C 107 -29.88 -17.53 0.98
CA GLU C 107 -30.59 -18.52 1.80
C GLU C 107 -31.84 -17.87 2.40
C ACE D 1 14.11 -12.47 -10.99
O ACE D 1 14.88 -12.67 -10.05
CH3 ACE D 1 14.54 -11.76 -12.24
N TYR D 2 12.92 -13.08 -11.07
CA TYR D 2 12.12 -13.37 -9.89
C TYR D 2 12.52 -14.67 -9.18
N ASP D 3 13.18 -15.58 -9.90
CA ASP D 3 13.48 -16.92 -9.38
C ASP D 3 14.95 -17.13 -9.00
N GLU D 4 15.72 -16.05 -8.89
CA GLU D 4 17.15 -16.15 -8.56
C GLU D 4 17.36 -16.23 -7.05
N SER D 5 18.51 -16.78 -6.65
CA SER D 5 18.89 -16.81 -5.24
C SER D 5 19.22 -15.39 -4.77
N TPO D 6 18.96 -15.10 -3.50
CA TPO D 6 19.17 -13.74 -2.96
CB TPO D 6 18.37 -13.54 -1.66
CG2 TPO D 6 18.51 -12.14 -1.06
OG1 TPO D 6 17.00 -13.77 -1.92
P TPO D 6 16.27 -15.02 -1.22
O1P TPO D 6 16.24 -14.80 0.35
O2P TPO D 6 17.13 -16.32 -1.56
O3P TPO D 6 14.79 -15.17 -1.77
C TPO D 6 20.63 -13.49 -2.72
O TPO D 6 21.39 -14.39 -2.37
N ASP D 7 21.03 -12.23 -2.92
CA ASP D 7 22.43 -11.82 -2.82
C ASP D 7 22.82 -11.55 -1.37
N GLU D 8 23.84 -12.26 -0.90
CA GLU D 8 24.45 -12.05 0.42
C GLU D 8 23.46 -11.80 1.55
C ACE E 1 0.34 26.55 15.09
O ACE E 1 1.51 26.53 15.45
CH3 ACE E 1 -0.76 26.02 15.97
N TYR E 2 -0.08 27.23 14.02
CA TYR E 2 0.79 27.48 12.88
C TYR E 2 1.75 28.65 13.10
N ASP E 3 1.43 29.52 14.07
CA ASP E 3 2.15 30.79 14.24
C ASP E 3 3.01 30.86 15.50
N GLU E 4 3.15 29.73 16.20
CA GLU E 4 3.92 29.70 17.45
C GLU E 4 5.42 29.58 17.18
N SER E 5 6.22 29.85 18.21
CA SER E 5 7.68 29.75 18.09
C SER E 5 8.11 28.28 18.11
N TPO E 6 9.22 27.97 17.44
CA TPO E 6 9.68 26.60 17.28
CB TPO E 6 10.55 26.47 16.02
CG2 TPO E 6 11.09 25.05 15.81
OG1 TPO E 6 9.79 26.83 14.87
P TPO E 6 10.31 28.02 13.93
O1P TPO E 6 11.74 27.65 13.34
O2P TPO E 6 10.44 29.33 14.82
O3P TPO E 6 9.28 28.25 12.74
C TPO E 6 10.48 26.13 18.47
O TPO E 6 11.36 26.84 18.94
N ASP E 7 10.17 24.92 18.94
CA ASP E 7 10.98 24.22 19.92
C ASP E 7 11.90 23.28 19.13
N GLU E 8 13.16 23.05 19.52
CA GLU E 8 13.78 23.51 20.75
C GLU E 8 15.03 24.33 20.46
C ACE F 1 -2.14 -27.36 -1.83
O ACE F 1 -1.76 -26.52 -2.64
CH3 ACE F 1 -2.14 -28.82 -2.12
N TYR F 2 -2.44 -27.03 -0.57
CA TYR F 2 -3.20 -25.83 -0.23
C TYR F 2 -2.29 -24.65 0.16
N ASP F 3 -0.98 -24.85 0.11
CA ASP F 3 -0.03 -23.84 0.58
C ASP F 3 1.33 -23.91 -0.13
N GLU F 4 1.31 -24.17 -1.44
CA GLU F 4 2.54 -24.15 -2.25
C GLU F 4 2.90 -22.70 -2.59
N SER F 5 4.07 -22.51 -3.21
CA SER F 5 4.54 -21.17 -3.59
C SER F 5 3.81 -20.68 -4.85
N TPO F 6 3.24 -19.48 -4.77
CA TPO F 6 2.49 -18.90 -5.90
CB TPO F 6 1.61 -17.72 -5.44
CG2 TPO F 6 0.49 -17.44 -6.44
OG1 TPO F 6 1.04 -17.99 -4.16
P TPO F 6 0.72 -16.79 -3.13
O1P TPO F 6 0.32 -15.48 -3.93
O2P TPO F 6 2.00 -16.51 -2.24
O3P TPO F 6 -0.49 -17.21 -2.18
C TPO F 6 3.44 -18.44 -6.96
O TPO F 6 4.35 -17.66 -6.70
#